data_3F1O
#
_entry.id   3F1O
#
_cell.length_a   73.761
_cell.length_b   83.019
_cell.length_c   41.553
_cell.angle_alpha   90.00
_cell.angle_beta   106.36
_cell.angle_gamma   90.00
#
_symmetry.space_group_name_H-M   'C 1 2 1'
#
loop_
_entity.id
_entity.type
_entity.pdbx_description
1 polymer 'Endothelial PAS domain-containing protein 1'
2 polymer 'Aryl hydrocarbon receptor nuclear translocator'
3 non-polymer N-[2-nitro-4-(trifluoromethyl)phenyl]morpholin-4-amine
4 non-polymer 1,2-ETHANEDIOL
5 water water
#
loop_
_entity_poly.entity_id
_entity_poly.type
_entity_poly.pdbx_seq_one_letter_code
_entity_poly.pdbx_strand_id
1 'polypeptide(L)'
;GEFKGLDSKTFLSEHSMDMKFTYCDDRITELIGYHPEELLGRSAYEFYHALDSENMTKSHQNLCTKGQVVSGQYRMLAKH
GGYVWLETQGTVIYNPRNLQPQCIMCVNYVLSEIEKN
;
A
2 'polypeptide(L)'
;GEFKGLNVCQPTRFISRHNIEGIFTFVDHRCVATVGYQPQELLGKNIVEFCHPEDQQLLRDSFQQVVKLKGQVLSVMFRF
RSKNQEWLWMRTSSFTFQNPYSDEIEYIICTNTNVKNSSQE
;
B
#
loop_
_chem_comp.id
_chem_comp.type
_chem_comp.name
_chem_comp.formula
2XY non-polymer N-[2-nitro-4-(trifluoromethyl)phenyl]morpholin-4-amine 'C11 H12 F3 N3 O3'
EDO non-polymer 1,2-ETHANEDIOL 'C2 H6 O2'
#
# COMPACT_ATOMS: atom_id res chain seq x y z
N PHE A 3 22.99 10.55 5.25
CA PHE A 3 22.08 9.85 6.14
C PHE A 3 20.63 10.29 5.94
N LYS A 4 19.75 9.31 5.85
CA LYS A 4 18.34 9.55 5.61
C LYS A 4 17.51 8.92 6.71
N GLY A 5 16.40 9.55 7.04
CA GLY A 5 15.40 9.00 7.95
C GLY A 5 14.62 7.86 7.36
N LEU A 6 13.86 7.17 8.18
CA LEU A 6 13.21 5.94 7.72
C LEU A 6 12.19 6.16 6.59
N ASP A 7 11.35 7.17 6.75
CA ASP A 7 10.29 7.35 5.76
C ASP A 7 10.89 7.77 4.42
N SER A 8 11.99 8.51 4.42
N SER A 8 12.01 8.48 4.48
CA SER A 8 12.56 8.93 3.14
CA SER A 8 12.73 8.96 3.30
C SER A 8 13.12 7.76 2.34
C SER A 8 13.30 7.84 2.44
N LYS A 9 13.33 6.63 3.00
CA LYS A 9 13.85 5.45 2.33
C LYS A 9 12.78 4.38 2.11
N THR A 10 11.53 4.74 2.31
CA THR A 10 10.43 3.79 2.17
C THR A 10 9.53 4.22 1.04
N PHE A 11 9.10 3.28 0.18
CA PHE A 11 8.07 3.62 -0.81
C PHE A 11 7.11 2.46 -0.95
N LEU A 12 5.85 2.77 -1.12
N LEU A 12 5.83 2.78 -1.12
CA LEU A 12 4.87 1.73 -1.38
CA LEU A 12 4.79 1.79 -1.32
C LEU A 12 4.59 1.60 -2.87
C LEU A 12 4.49 1.61 -2.81
N SER A 13 4.33 0.37 -3.25
CA SER A 13 3.90 0.09 -4.63
C SER A 13 2.74 -0.86 -4.57
N GLU A 14 1.95 -0.80 -5.63
CA GLU A 14 0.80 -1.69 -5.80
C GLU A 14 0.97 -2.39 -7.11
N HIS A 15 0.55 -3.63 -7.13
CA HIS A 15 0.69 -4.49 -8.30
C HIS A 15 -0.56 -5.31 -8.59
N SER A 16 -0.83 -5.56 -9.87
CA SER A 16 -1.85 -6.56 -10.20
C SER A 16 -1.27 -7.95 -9.92
N MET A 17 -2.11 -8.98 -10.00
CA MET A 17 -1.66 -10.29 -9.59
C MET A 17 -0.66 -10.88 -10.59
N ASP A 18 -0.59 -10.31 -11.79
CA ASP A 18 0.52 -10.61 -12.72
C ASP A 18 1.82 -9.86 -12.41
N MET A 19 1.88 -9.16 -11.27
CA MET A 19 3.07 -8.50 -10.77
C MET A 19 3.38 -7.17 -11.47
N LYS A 20 2.53 -6.77 -12.38
CA LYS A 20 2.70 -5.47 -13.01
C LYS A 20 2.42 -4.33 -12.04
N PHE A 21 3.21 -3.27 -12.06
CA PHE A 21 2.92 -2.06 -11.25
C PHE A 21 1.60 -1.43 -11.71
N THR A 22 0.75 -1.16 -10.74
CA THR A 22 -0.44 -0.35 -10.96
C THR A 22 -0.42 0.98 -10.20
N TYR A 23 0.50 1.14 -9.25
CA TYR A 23 0.68 2.38 -8.53
C TYR A 23 2.06 2.36 -7.90
N CYS A 24 2.71 3.53 -7.80
CA CYS A 24 3.92 3.68 -6.99
C CYS A 24 4.03 5.07 -6.41
N ASP A 25 4.46 5.14 -5.15
CA ASP A 25 4.72 6.39 -4.42
C ASP A 25 5.80 7.16 -5.14
N ASP A 26 5.66 8.49 -5.17
CA ASP A 26 6.67 9.36 -5.79
C ASP A 26 8.03 9.30 -5.09
N ARG A 27 8.03 8.77 -3.87
N ARG A 27 8.08 8.78 -3.87
N ARG A 27 8.09 8.76 -3.88
CA ARG A 27 9.24 8.54 -3.06
CA ARG A 27 9.34 8.67 -3.15
CA ARG A 27 9.37 8.69 -3.19
C ARG A 27 10.32 7.74 -3.81
C ARG A 27 10.38 7.86 -3.95
C ARG A 27 10.39 7.88 -3.99
N ILE A 28 9.90 6.92 -4.78
CA ILE A 28 10.81 6.08 -5.54
C ILE A 28 11.72 6.92 -6.44
N THR A 29 11.26 8.08 -6.87
CA THR A 29 12.05 8.90 -7.81
C THR A 29 13.38 9.32 -7.17
N GLU A 30 13.33 9.82 -5.94
CA GLU A 30 14.54 10.30 -5.26
C GLU A 30 15.49 9.16 -4.97
N LEU A 31 14.94 7.96 -4.82
CA LEU A 31 15.74 6.85 -4.34
C LEU A 31 16.37 6.02 -5.47
N ILE A 32 15.58 5.77 -6.51
CA ILE A 32 15.87 4.79 -7.57
C ILE A 32 15.85 5.44 -8.97
N GLY A 33 15.21 6.60 -9.08
CA GLY A 33 15.26 7.38 -10.31
C GLY A 33 13.99 7.35 -11.14
N TYR A 34 13.15 6.32 -10.97
CA TYR A 34 11.97 6.17 -11.79
C TYR A 34 10.87 7.14 -11.43
N HIS A 35 10.16 7.60 -12.45
CA HIS A 35 8.89 8.25 -12.25
C HIS A 35 7.82 7.18 -12.16
N PRO A 36 6.91 7.31 -11.17
CA PRO A 36 5.88 6.26 -11.10
C PRO A 36 5.18 5.94 -12.41
N GLU A 37 4.90 6.95 -13.26
CA GLU A 37 4.11 6.73 -14.45
C GLU A 37 4.81 5.78 -15.40
N GLU A 38 6.14 5.79 -15.39
CA GLU A 38 6.90 4.93 -16.28
C GLU A 38 7.00 3.48 -15.83
N LEU A 39 6.61 3.22 -14.58
CA LEU A 39 6.63 1.86 -14.06
C LEU A 39 5.33 1.13 -14.37
N LEU A 40 4.25 1.86 -14.61
CA LEU A 40 2.95 1.20 -14.73
C LEU A 40 2.95 0.27 -15.92
N GLY A 41 2.41 -0.93 -15.68
CA GLY A 41 2.29 -1.94 -16.68
C GLY A 41 3.53 -2.82 -16.87
N ARG A 42 4.60 -2.51 -16.12
CA ARG A 42 5.83 -3.31 -16.17
C ARG A 42 5.83 -4.26 -14.98
N SER A 43 6.21 -5.50 -15.22
CA SER A 43 6.31 -6.47 -14.14
C SER A 43 7.50 -6.17 -13.23
N ALA A 44 7.27 -6.43 -11.94
CA ALA A 44 8.33 -6.41 -10.94
C ALA A 44 9.56 -7.18 -11.40
N TYR A 45 9.32 -8.28 -12.10
CA TYR A 45 10.41 -9.13 -12.51
C TYR A 45 11.41 -8.45 -13.46
N GLU A 46 10.98 -7.41 -14.16
CA GLU A 46 11.90 -6.69 -15.05
C GLU A 46 13.02 -6.01 -14.30
N PHE A 47 12.86 -5.84 -12.98
CA PHE A 47 13.74 -5.00 -12.18
C PHE A 47 14.68 -5.75 -11.24
N TYR A 48 14.54 -7.06 -11.13
CA TYR A 48 15.38 -7.82 -10.21
C TYR A 48 16.71 -8.20 -10.83
N HIS A 49 17.76 -8.09 -10.04
CA HIS A 49 19.09 -8.54 -10.42
C HIS A 49 18.99 -10.02 -10.77
N ALA A 50 19.76 -10.44 -11.77
CA ALA A 50 19.76 -11.82 -12.22
C ALA A 50 20.00 -12.80 -11.07
N LEU A 51 20.88 -12.43 -10.14
CA LEU A 51 21.23 -13.39 -9.09
C LEU A 51 20.15 -13.54 -8.02
N ASP A 52 19.16 -12.66 -8.07
CA ASP A 52 18.05 -12.70 -7.14
C ASP A 52 16.78 -13.22 -7.77
N SER A 53 16.77 -13.48 -9.09
CA SER A 53 15.53 -13.75 -9.81
C SER A 53 14.85 -15.04 -9.33
N GLU A 54 15.62 -16.11 -9.15
CA GLU A 54 15.05 -17.37 -8.71
C GLU A 54 14.48 -17.27 -7.29
N ASN A 55 15.19 -16.61 -6.39
CA ASN A 55 14.67 -16.38 -5.03
C ASN A 55 13.43 -15.51 -5.02
N MET A 56 13.38 -14.48 -5.86
CA MET A 56 12.19 -13.66 -5.92
C MET A 56 10.96 -14.44 -6.45
N THR A 57 11.17 -15.32 -7.44
CA THR A 57 10.08 -16.16 -7.92
C THR A 57 9.53 -16.96 -6.74
N LYS A 58 10.40 -17.51 -5.88
CA LYS A 58 9.95 -18.32 -4.76
C LYS A 58 9.15 -17.46 -3.79
N SER A 59 9.61 -16.24 -3.56
N SER A 59 9.62 -16.24 -3.54
CA SER A 59 8.95 -15.31 -2.67
CA SER A 59 8.92 -15.33 -2.65
C SER A 59 7.56 -14.93 -3.18
C SER A 59 7.55 -14.93 -3.18
N HIS A 60 7.45 -14.70 -4.48
CA HIS A 60 6.18 -14.35 -5.12
C HIS A 60 5.23 -15.54 -4.98
N GLN A 61 5.75 -16.76 -5.17
CA GLN A 61 4.95 -17.96 -4.99
C GLN A 61 4.44 -18.08 -3.55
N ASN A 62 5.31 -17.80 -2.56
CA ASN A 62 4.91 -17.83 -1.15
C ASN A 62 3.85 -16.76 -0.85
N LEU A 63 4.01 -15.58 -1.43
CA LEU A 63 3.05 -14.49 -1.25
C LEU A 63 1.65 -14.90 -1.75
N CYS A 64 1.60 -15.54 -2.90
CA CYS A 64 0.34 -15.90 -3.55
C CYS A 64 -0.32 -17.06 -2.81
N THR A 65 0.52 -17.90 -2.22
CA THR A 65 0.04 -19.07 -1.50
C THR A 65 -0.49 -18.68 -0.12
N LYS A 66 0.28 -17.84 0.57
CA LYS A 66 0.04 -17.53 1.97
C LYS A 66 -0.66 -16.20 2.23
N GLY A 67 -0.58 -15.28 1.28
CA GLY A 67 -1.25 -14.00 1.46
C GLY A 67 -0.36 -12.85 1.89
N GLN A 68 0.81 -13.18 2.42
CA GLN A 68 1.78 -12.17 2.86
C GLN A 68 3.17 -12.80 2.80
N VAL A 69 4.20 -11.96 2.64
CA VAL A 69 5.58 -12.44 2.61
C VAL A 69 6.51 -11.30 2.94
N VAL A 70 7.67 -11.63 3.50
CA VAL A 70 8.80 -10.69 3.65
C VAL A 70 9.87 -11.20 2.71
N SER A 71 10.39 -10.33 1.83
N SER A 71 10.32 -10.35 1.78
CA SER A 71 11.20 -10.75 0.67
CA SER A 71 11.38 -10.73 0.89
C SER A 71 12.61 -11.24 0.93
C SER A 71 12.64 -10.79 1.71
N GLY A 72 13.22 -10.78 2.01
N GLY A 72 13.60 -11.57 1.22
CA GLY A 72 14.66 -10.88 2.18
CA GLY A 72 14.97 -11.40 1.65
C GLY A 72 15.36 -9.80 1.37
C GLY A 72 15.47 -10.11 1.05
N GLN A 73 16.69 -9.75 1.40
CA GLN A 73 17.39 -8.66 0.74
C GLN A 73 17.57 -9.00 -0.72
N TYR A 74 17.23 -8.05 -1.58
CA TYR A 74 17.44 -8.25 -3.01
C TYR A 74 17.88 -6.95 -3.69
N ARG A 75 18.28 -7.05 -4.93
CA ARG A 75 18.80 -5.92 -5.68
C ARG A 75 17.81 -5.53 -6.77
N MET A 76 17.39 -4.28 -6.76
CA MET A 76 16.54 -3.70 -7.79
C MET A 76 17.34 -2.77 -8.72
N LEU A 77 17.15 -2.96 -10.03
CA LEU A 77 17.72 -2.15 -11.10
C LEU A 77 17.29 -0.69 -10.97
N ALA A 78 18.27 0.22 -10.95
CA ALA A 78 18.00 1.65 -10.83
C ALA A 78 17.90 2.26 -12.21
N LYS A 79 17.14 3.35 -12.32
CA LYS A 79 16.82 3.89 -13.63
C LYS A 79 18.05 4.18 -14.48
N HIS A 80 19.08 4.71 -13.87
CA HIS A 80 20.29 5.08 -14.62
C HIS A 80 21.45 4.11 -14.42
N GLY A 81 21.13 2.82 -14.40
CA GLY A 81 22.14 1.80 -14.25
C GLY A 81 22.45 1.54 -12.79
N GLY A 82 23.04 0.38 -12.52
CA GLY A 82 23.35 0.01 -11.16
C GLY A 82 22.11 -0.57 -10.45
N TYR A 83 22.28 -0.88 -9.18
CA TYR A 83 21.25 -1.53 -8.37
C TYR A 83 21.25 -0.98 -6.96
N VAL A 84 20.07 -0.92 -6.34
N VAL A 84 20.07 -1.00 -6.34
CA VAL A 84 20.04 -0.79 -4.89
CA VAL A 84 19.91 -0.66 -4.93
C VAL A 84 19.61 -2.08 -4.24
C VAL A 84 19.42 -1.90 -4.16
N TRP A 85 20.01 -2.22 -3.00
CA TRP A 85 19.51 -3.27 -2.15
C TRP A 85 18.21 -2.79 -1.49
N LEU A 86 17.23 -3.70 -1.49
N LEU A 86 17.20 -3.64 -1.44
CA LEU A 86 15.88 -3.48 -0.99
CA LEU A 86 16.04 -3.29 -0.66
C LEU A 86 15.43 -4.64 -0.12
C LEU A 86 15.39 -4.56 -0.20
N GLU A 87 14.43 -4.40 0.71
CA GLU A 87 13.63 -5.50 1.23
C GLU A 87 12.17 -5.03 1.22
N THR A 88 11.27 -5.97 1.02
CA THR A 88 9.86 -5.68 0.78
C THR A 88 8.97 -6.54 1.64
N GLN A 89 7.97 -5.93 2.26
CA GLN A 89 6.87 -6.67 2.86
C GLN A 89 5.71 -6.63 1.84
N GLY A 90 5.27 -7.80 1.38
CA GLY A 90 4.18 -7.91 0.42
C GLY A 90 2.92 -8.45 1.05
N THR A 91 1.77 -7.97 0.59
CA THR A 91 0.46 -8.37 1.12
C THR A 91 -0.51 -8.48 -0.02
N VAL A 92 -1.25 -9.57 -0.11
CA VAL A 92 -2.32 -9.70 -1.11
C VAL A 92 -3.61 -9.17 -0.49
N ILE A 93 -4.35 -8.41 -1.30
CA ILE A 93 -5.63 -7.84 -0.91
C ILE A 93 -6.64 -8.62 -1.71
N TYR A 94 -7.60 -9.22 -1.01
CA TYR A 94 -8.56 -10.17 -1.59
C TYR A 94 -9.93 -9.53 -1.54
N ASN A 95 -10.67 -9.66 -2.65
CA ASN A 95 -11.96 -8.98 -2.82
C ASN A 95 -13.04 -9.98 -2.57
N PRO A 101 -8.21 -12.80 -5.45
CA PRO A 101 -7.20 -11.76 -5.22
C PRO A 101 -7.39 -10.51 -6.12
N GLN A 102 -7.25 -9.32 -5.53
CA GLN A 102 -7.46 -8.04 -6.22
C GLN A 102 -6.12 -7.42 -6.61
N CYS A 103 -5.19 -7.37 -5.68
CA CYS A 103 -3.92 -6.72 -5.94
C CYS A 103 -2.93 -7.07 -4.84
N ILE A 104 -1.68 -6.68 -5.09
CA ILE A 104 -0.61 -6.87 -4.14
C ILE A 104 -0.11 -5.49 -3.71
N MET A 105 0.01 -5.31 -2.40
N MET A 105 0.11 -5.32 -2.41
CA MET A 105 0.63 -4.12 -1.82
CA MET A 105 0.66 -4.08 -1.89
C MET A 105 2.03 -4.49 -1.32
C MET A 105 1.98 -4.33 -1.16
N CYS A 106 3.00 -3.62 -1.64
CA CYS A 106 4.40 -3.83 -1.23
C CYS A 106 4.91 -2.61 -0.52
N VAL A 107 5.41 -2.82 0.68
CA VAL A 107 6.12 -1.74 1.35
C VAL A 107 7.60 -2.00 1.18
N ASN A 108 8.28 -1.10 0.49
CA ASN A 108 9.66 -1.30 0.05
C ASN A 108 10.60 -0.40 0.82
N TYR A 109 11.66 -0.98 1.39
CA TYR A 109 12.60 -0.21 2.19
C TYR A 109 13.99 -0.33 1.60
N VAL A 110 14.59 0.82 1.30
CA VAL A 110 15.89 0.85 0.68
C VAL A 110 17.00 0.69 1.69
N LEU A 111 17.93 -0.22 1.38
CA LEU A 111 18.98 -0.64 2.30
C LEU A 111 20.38 -0.15 1.91
N SER A 112 20.51 0.38 0.71
CA SER A 112 21.78 0.87 0.24
C SER A 112 21.65 2.03 -0.71
N GLU A 113 22.79 2.68 -0.94
CA GLU A 113 22.94 3.56 -2.07
C GLU A 113 22.96 2.74 -3.37
N ILE A 114 22.79 3.41 -4.48
CA ILE A 114 22.90 2.78 -5.77
C ILE A 114 24.36 2.34 -5.92
N GLU A 115 24.53 1.10 -6.34
CA GLU A 115 25.85 0.52 -6.54
C GLU A 115 25.98 0.15 -8.01
N LYS A 116 27.03 0.67 -8.65
CA LYS A 116 27.29 0.42 -10.07
C LYS A 116 28.54 -0.43 -10.23
N VAL B 8 -11.53 -6.88 -18.23
CA VAL B 8 -12.32 -6.78 -17.01
C VAL B 8 -12.43 -5.32 -16.55
N CYS B 9 -13.56 -4.97 -15.97
CA CYS B 9 -13.73 -3.61 -15.48
C CYS B 9 -12.97 -3.46 -14.18
N GLN B 10 -11.98 -2.58 -14.19
CA GLN B 10 -11.13 -2.40 -13.02
C GLN B 10 -11.88 -1.67 -11.91
N PRO B 11 -11.76 -2.19 -10.67
CA PRO B 11 -12.31 -1.56 -9.47
C PRO B 11 -11.74 -0.16 -9.31
N THR B 12 -12.52 0.75 -8.75
CA THR B 12 -12.01 2.07 -8.48
C THR B 12 -11.52 2.07 -7.02
N ARG B 13 -10.24 2.38 -6.83
CA ARG B 13 -9.64 2.33 -5.50
C ARG B 13 -8.51 3.33 -5.37
N PHE B 14 -8.22 3.64 -4.12
CA PHE B 14 -7.06 4.44 -3.79
C PHE B 14 -6.45 4.02 -2.48
N ILE B 15 -5.17 4.28 -2.35
CA ILE B 15 -4.37 3.97 -1.17
C ILE B 15 -4.29 5.17 -0.22
N SER B 16 -4.30 4.87 1.07
CA SER B 16 -4.05 5.89 2.08
C SER B 16 -3.20 5.33 3.19
N ARG B 17 -2.53 6.24 3.87
CA ARG B 17 -1.78 5.92 5.12
C ARG B 17 -2.46 6.67 6.24
N HIS B 18 -2.52 6.06 7.41
CA HIS B 18 -3.18 6.68 8.55
C HIS B 18 -2.34 6.50 9.76
N ASN B 19 -2.41 7.45 10.70
CA ASN B 19 -1.83 7.13 11.97
C ASN B 19 -2.79 6.22 12.70
N ILE B 20 -2.38 5.75 13.87
CA ILE B 20 -3.18 4.72 14.53
C ILE B 20 -4.52 5.25 14.99
N GLU B 21 -4.66 6.58 15.12
CA GLU B 21 -5.94 7.18 15.46
C GLU B 21 -6.92 7.23 14.30
N GLY B 22 -6.42 7.10 13.08
CA GLY B 22 -7.27 7.18 11.91
C GLY B 22 -7.07 8.39 11.04
N ILE B 23 -6.18 9.31 11.43
CA ILE B 23 -5.95 10.51 10.62
C ILE B 23 -5.24 10.17 9.31
N PHE B 24 -5.75 10.66 8.17
CA PHE B 24 -5.03 10.53 6.88
C PHE B 24 -3.69 11.26 6.94
N THR B 25 -2.60 10.53 6.78
CA THR B 25 -1.26 11.12 6.69
C THR B 25 -0.71 11.03 5.28
N PHE B 26 -1.35 10.24 4.42
CA PHE B 26 -0.99 10.23 3.01
C PHE B 26 -2.20 9.78 2.24
N VAL B 27 -2.46 10.45 1.12
CA VAL B 27 -3.58 10.10 0.26
C VAL B 27 -3.16 10.07 -1.24
N ASP B 28 -3.34 8.91 -1.86
CA ASP B 28 -3.10 8.66 -3.28
C ASP B 28 -4.14 9.37 -4.12
N HIS B 29 -3.70 10.05 -5.18
CA HIS B 29 -4.54 10.91 -6.02
C HIS B 29 -5.68 10.20 -6.74
N ARG B 30 -5.61 8.87 -6.78
CA ARG B 30 -6.72 8.08 -7.27
C ARG B 30 -7.97 8.32 -6.44
N CYS B 31 -7.85 8.97 -5.29
CA CYS B 31 -9.05 9.30 -4.50
C CYS B 31 -10.02 10.19 -5.26
N VAL B 32 -9.52 11.02 -6.18
CA VAL B 32 -10.43 11.95 -6.88
C VAL B 32 -11.47 11.17 -7.67
N ALA B 33 -11.03 10.17 -8.40
CA ALA B 33 -11.94 9.32 -9.15
C ALA B 33 -12.79 8.42 -8.27
N THR B 34 -12.32 8.05 -7.09
CA THR B 34 -13.01 7.08 -6.25
C THR B 34 -14.13 7.80 -5.47
N VAL B 35 -13.80 8.92 -4.84
CA VAL B 35 -14.73 9.57 -3.93
C VAL B 35 -14.93 11.05 -4.22
N GLY B 36 -14.16 11.61 -5.15
CA GLY B 36 -14.37 12.96 -5.67
C GLY B 36 -13.60 14.08 -4.98
N TYR B 37 -12.88 13.76 -3.90
CA TYR B 37 -12.08 14.77 -3.18
C TYR B 37 -10.67 14.80 -3.69
N GLN B 38 -10.06 15.98 -3.66
CA GLN B 38 -8.61 16.11 -3.82
C GLN B 38 -7.94 15.58 -2.57
N PRO B 39 -6.71 15.06 -2.69
CA PRO B 39 -5.99 14.55 -1.54
C PRO B 39 -5.94 15.53 -0.38
N GLN B 40 -5.74 16.82 -0.64
N GLN B 40 -5.76 16.81 -0.70
CA GLN B 40 -5.64 17.81 0.46
CA GLN B 40 -5.66 17.83 0.31
C GLN B 40 -6.98 18.14 1.13
C GLN B 40 -6.92 17.98 1.17
N GLU B 41 -8.07 17.60 0.61
CA GLU B 41 -9.33 17.63 1.33
C GLU B 41 -9.49 16.48 2.36
N LEU B 42 -8.66 15.45 2.21
CA LEU B 42 -8.66 14.33 3.13
C LEU B 42 -7.52 14.42 4.12
N LEU B 43 -6.33 14.87 3.66
CA LEU B 43 -5.14 14.89 4.53
C LEU B 43 -5.40 15.66 5.80
N GLY B 44 -5.02 15.06 6.94
CA GLY B 44 -5.19 15.71 8.22
C GLY B 44 -6.51 15.50 8.95
N LYS B 45 -7.45 14.91 8.23
CA LYS B 45 -8.75 14.58 8.79
C LYS B 45 -8.79 13.11 9.14
N ASN B 46 -9.62 12.78 10.11
CA ASN B 46 -9.86 11.39 10.42
C ASN B 46 -10.82 10.79 9.42
N ILE B 47 -10.55 9.56 9.02
CA ILE B 47 -11.41 8.85 8.12
C ILE B 47 -12.85 8.81 8.66
N VAL B 48 -13.01 8.76 9.96
CA VAL B 48 -14.36 8.75 10.58
C VAL B 48 -15.17 9.95 10.22
N GLU B 49 -14.53 11.06 9.86
CA GLU B 49 -15.23 12.29 9.45
C GLU B 49 -15.95 12.15 8.13
N PHE B 50 -15.66 11.07 7.40
CA PHE B 50 -16.27 10.81 6.10
C PHE B 50 -17.22 9.65 6.16
N CYS B 51 -17.38 9.09 7.34
CA CYS B 51 -18.13 7.86 7.54
C CYS B 51 -19.57 8.09 8.03
N HIS B 52 -20.50 7.28 7.52
CA HIS B 52 -21.89 7.36 7.94
C HIS B 52 -21.97 7.16 9.44
N PRO B 53 -22.89 7.89 10.11
CA PRO B 53 -22.97 7.80 11.56
C PRO B 53 -23.16 6.36 12.08
N GLU B 54 -23.89 5.52 11.36
CA GLU B 54 -24.12 4.18 11.84
C GLU B 54 -22.88 3.29 11.76
N ASP B 55 -21.91 3.69 10.93
CA ASP B 55 -20.68 2.91 10.69
C ASP B 55 -19.47 3.44 11.43
N GLN B 56 -19.57 4.63 12.03
CA GLN B 56 -18.41 5.29 12.61
C GLN B 56 -17.78 4.45 13.70
N GLN B 57 -18.57 3.85 14.58
CA GLN B 57 -17.98 3.08 15.67
C GLN B 57 -17.29 1.83 15.15
N LEU B 58 -17.90 1.13 14.19
CA LEU B 58 -17.23 0.00 13.53
C LEU B 58 -15.88 0.40 12.96
N LEU B 59 -15.82 1.58 12.37
CA LEU B 59 -14.60 2.03 11.75
C LEU B 59 -13.54 2.32 12.83
N ARG B 60 -13.93 2.99 13.90
CA ARG B 60 -13.03 3.19 15.03
C ARG B 60 -12.55 1.89 15.63
N ASP B 61 -13.44 0.94 15.81
N ASP B 61 -13.46 0.92 15.76
CA ASP B 61 -13.01 -0.29 16.45
CA ASP B 61 -13.09 -0.38 16.31
C ASP B 61 -12.12 -1.13 15.51
C ASP B 61 -12.05 -1.05 15.42
N SER B 62 -12.21 -0.84 14.21
N SER B 62 -12.26 -0.96 14.11
CA SER B 62 -11.45 -1.55 13.18
CA SER B 62 -11.39 -1.62 13.17
C SER B 62 -10.01 -1.04 13.11
C SER B 62 -9.97 -1.06 13.31
N PHE B 63 -9.84 0.25 13.33
CA PHE B 63 -8.51 0.85 13.42
C PHE B 63 -7.85 0.42 14.73
N GLN B 64 -8.65 0.27 15.78
CA GLN B 64 -8.13 -0.19 17.07
C GLN B 64 -7.66 -1.62 16.94
N GLN B 65 -8.42 -2.48 16.26
CA GLN B 65 -8.02 -3.86 16.20
C GLN B 65 -6.89 -4.18 15.21
N VAL B 66 -6.79 -3.48 14.09
CA VAL B 66 -5.76 -3.83 13.11
C VAL B 66 -4.37 -3.78 13.74
N VAL B 67 -4.21 -2.95 14.78
CA VAL B 67 -2.91 -2.84 15.43
C VAL B 67 -2.62 -4.05 16.30
N LYS B 68 -3.67 -4.78 16.66
CA LYS B 68 -3.47 -5.95 17.53
C LYS B 68 -3.26 -7.24 16.76
N LEU B 69 -3.50 -7.21 15.46
CA LEU B 69 -3.53 -8.43 14.65
C LEU B 69 -2.20 -8.80 13.96
N LYS B 70 -1.09 -8.30 14.46
CA LYS B 70 0.21 -8.81 14.00
C LYS B 70 0.43 -8.60 12.49
N GLY B 71 0.18 -7.38 12.03
CA GLY B 71 0.36 -7.03 10.62
C GLY B 71 -0.54 -7.73 9.62
N GLN B 72 -1.51 -8.55 10.07
CA GLN B 72 -2.46 -9.21 9.17
C GLN B 72 -3.46 -8.18 8.63
N VAL B 73 -4.19 -8.55 7.56
CA VAL B 73 -5.15 -7.63 6.95
C VAL B 73 -6.48 -7.70 7.65
N LEU B 74 -7.01 -6.52 7.94
N LEU B 74 -7.03 -6.51 7.94
CA LEU B 74 -8.37 -6.39 8.40
CA LEU B 74 -8.37 -6.35 8.52
C LEU B 74 -9.13 -5.74 7.27
C LEU B 74 -9.24 -5.43 7.63
N SER B 75 -10.40 -6.07 7.12
N SER B 75 -10.35 -5.98 7.13
CA SER B 75 -11.22 -5.33 6.18
CA SER B 75 -11.17 -5.29 6.15
C SER B 75 -12.42 -4.80 6.94
C SER B 75 -12.53 -4.96 6.72
N VAL B 76 -13.00 -3.76 6.37
CA VAL B 76 -14.26 -3.23 6.89
C VAL B 76 -15.01 -2.62 5.74
N MET B 77 -16.34 -2.76 5.76
CA MET B 77 -17.18 -2.15 4.76
C MET B 77 -17.95 -1.03 5.45
N PHE B 78 -17.99 0.14 4.84
CA PHE B 78 -18.68 1.29 5.43
C PHE B 78 -19.10 2.28 4.37
N ARG B 79 -20.01 3.16 4.77
CA ARG B 79 -20.52 4.20 3.89
C ARG B 79 -19.68 5.46 4.01
N PHE B 80 -19.11 5.85 2.88
CA PHE B 80 -18.22 7.00 2.77
C PHE B 80 -18.92 8.14 2.04
N ARG B 81 -18.92 9.34 2.64
CA ARG B 81 -19.59 10.51 2.03
C ARG B 81 -18.74 11.05 0.89
N SER B 82 -19.21 10.89 -0.35
CA SER B 82 -18.49 11.44 -1.50
C SER B 82 -18.56 12.96 -1.56
N LYS B 83 -17.79 13.53 -2.46
CA LYS B 83 -17.78 14.96 -2.68
C LYS B 83 -19.16 15.46 -3.13
N ASN B 84 -20.00 14.59 -3.68
CA ASN B 84 -21.37 14.97 -4.09
C ASN B 84 -22.36 14.69 -2.94
N GLN B 85 -21.85 14.50 -1.72
CA GLN B 85 -22.67 14.28 -0.54
C GLN B 85 -23.56 13.03 -0.62
N GLU B 86 -23.06 12.02 -1.30
CA GLU B 86 -23.77 10.74 -1.46
C GLU B 86 -23.02 9.66 -0.72
N TRP B 87 -23.74 8.74 -0.11
CA TRP B 87 -23.12 7.63 0.62
C TRP B 87 -22.70 6.53 -0.34
N LEU B 88 -21.39 6.28 -0.43
CA LEU B 88 -20.84 5.25 -1.27
C LEU B 88 -20.31 4.11 -0.40
N TRP B 89 -20.62 2.88 -0.77
CA TRP B 89 -20.09 1.74 -0.05
C TRP B 89 -18.61 1.59 -0.40
N MET B 90 -17.80 1.53 0.65
CA MET B 90 -16.35 1.37 0.50
C MET B 90 -15.92 0.15 1.27
N ARG B 91 -15.01 -0.64 0.70
N ARG B 91 -15.03 -0.62 0.67
CA ARG B 91 -14.32 -1.68 1.45
CA ARG B 91 -14.28 -1.62 1.40
C ARG B 91 -12.88 -1.27 1.63
C ARG B 91 -12.91 -1.04 1.62
N THR B 92 -12.52 -0.99 2.88
CA THR B 92 -11.15 -0.58 3.25
C THR B 92 -10.47 -1.80 3.79
N SER B 93 -9.34 -2.15 3.20
CA SER B 93 -8.56 -3.29 3.65
C SER B 93 -7.29 -2.65 4.21
N SER B 94 -6.93 -3.03 5.43
N SER B 94 -6.97 -2.97 5.47
CA SER B 94 -5.91 -2.31 6.18
CA SER B 94 -5.92 -2.25 6.22
C SER B 94 -4.92 -3.30 6.75
C SER B 94 -4.97 -3.22 6.86
N PHE B 95 -3.72 -2.81 6.99
CA PHE B 95 -2.72 -3.59 7.73
C PHE B 95 -1.67 -2.63 8.27
N THR B 96 -0.99 -3.02 9.33
CA THR B 96 0.01 -2.13 9.91
C THR B 96 1.37 -2.35 9.24
N PHE B 97 2.15 -1.28 9.20
CA PHE B 97 3.56 -1.39 8.81
C PHE B 97 4.43 -0.80 9.91
N GLN B 98 5.41 -1.59 10.31
CA GLN B 98 6.41 -1.19 11.29
C GLN B 98 7.76 -1.62 10.74
N ASN B 99 8.74 -0.72 10.68
CA ASN B 99 10.05 -1.09 10.18
C ASN B 99 10.92 -1.60 11.28
N PRO B 100 11.28 -2.90 11.25
CA PRO B 100 11.91 -3.48 12.44
C PRO B 100 13.38 -3.07 12.63
N TYR B 101 13.94 -2.29 11.72
CA TYR B 101 15.22 -1.66 12.01
C TYR B 101 15.01 -0.55 13.02
N SER B 102 13.75 -0.27 13.36
CA SER B 102 13.44 0.84 14.28
C SER B 102 12.46 0.42 15.35
N ASP B 103 12.24 1.29 16.35
CA ASP B 103 11.12 1.12 17.27
C ASP B 103 10.14 2.26 17.08
N GLU B 104 10.07 2.79 15.87
CA GLU B 104 9.09 3.84 15.58
C GLU B 104 7.68 3.21 15.51
N ILE B 105 6.68 4.00 15.88
CA ILE B 105 5.33 3.50 15.97
C ILE B 105 4.82 3.07 14.60
N GLU B 106 4.07 1.99 14.59
CA GLU B 106 3.50 1.51 13.34
C GLU B 106 2.47 2.53 12.83
N TYR B 107 2.27 2.51 11.53
CA TYR B 107 1.17 3.25 10.92
C TYR B 107 0.35 2.25 10.15
N ILE B 108 -0.79 2.70 9.65
CA ILE B 108 -1.78 1.79 9.05
C ILE B 108 -1.84 2.13 7.55
N ILE B 109 -1.76 1.12 6.71
CA ILE B 109 -1.84 1.28 5.25
C ILE B 109 -3.21 0.74 4.85
N CYS B 110 -3.92 1.50 4.02
CA CYS B 110 -5.28 1.14 3.62
C CYS B 110 -5.39 1.15 2.10
N THR B 111 -6.21 0.24 1.60
N THR B 111 -6.08 0.16 1.55
CA THR B 111 -6.62 0.33 0.22
CA THR B 111 -6.64 0.32 0.23
C THR B 111 -8.15 0.38 0.25
C THR B 111 -8.14 0.58 0.45
N ASN B 112 -8.71 1.39 -0.41
CA ASN B 112 -10.10 1.79 -0.28
C ASN B 112 -10.75 1.62 -1.64
N THR B 113 -11.73 0.73 -1.72
CA THR B 113 -12.37 0.38 -3.03
C THR B 113 -13.86 0.58 -2.94
N ASN B 114 -14.48 1.20 -3.94
CA ASN B 114 -15.96 1.33 -4.02
C ASN B 114 -16.51 -0.05 -4.39
N VAL B 115 -17.40 -0.54 -3.56
CA VAL B 115 -17.97 -1.88 -3.68
C VAL B 115 -19.50 -1.79 -3.68
N LYS B 116 -20.15 -2.90 -4.04
CA LYS B 116 -21.61 -3.04 -4.00
C LYS B 116 -22.07 -3.73 -2.71
N ASN B 117 -23.06 -3.17 -2.03
CA ASN B 117 -23.70 -3.85 -0.93
C ASN B 117 -24.84 -4.74 -1.48
N SER B 118 -24.41 -5.85 -2.06
N SER B 118 -24.40 -5.86 -2.05
CA SER B 118 -25.33 -6.82 -2.65
CA SER B 118 -25.29 -6.82 -2.69
C SER B 118 -24.54 -8.11 -2.91
C SER B 118 -24.53 -8.12 -2.91
N SER B 119 -25.24 -9.20 -3.16
CA SER B 119 -24.60 -10.47 -3.52
C SER B 119 -24.09 -10.51 -4.96
C4 2XY C . 9.20 -4.70 -7.66
C1 2XY C . 8.41 -3.78 -5.55
C2 2XY C . 9.62 -2.85 -5.55
O2 2XY C . 4.59 -8.46 -6.18
C3 2XY C . 10.33 -3.67 -7.64
O3 2XY C . 5.64 -6.93 -6.98
C5 2XY C . 7.86 -6.99 -5.35
O1 2XY C . 10.01 -2.53 -6.87
N1 2XY C . 8.76 -4.94 -6.30
N2 2XY C . 7.72 -5.90 -6.28
C6 2XY C . 8.95 -7.11 -4.59
C7 2XY C . 8.98 -8.22 -3.55
C8 2XY C . 7.95 -9.05 -3.48
C9 2XY C . 7.94 -10.19 -2.48
F2 2XY C . 7.19 -11.21 -2.96
F3 2XY C . 7.47 -9.76 -1.28
F1 2XY C . 9.18 -10.65 -2.33
C10 2XY C . 6.73 -8.92 -4.38
C11 2XY C . 6.69 -7.95 -5.25
N3 2XY C . 5.54 -7.73 -6.12
C1 EDO D . 15.65 -9.88 -14.66
O1 EDO D . 16.86 -10.54 -14.35
C2 EDO D . 15.70 -9.26 -16.05
O2 EDO D . 16.76 -8.34 -16.15
H11 EDO D . 15.48 -9.10 -13.92
H12 EDO D . 14.84 -10.58 -14.61
HO1 EDO D . 16.93 -10.69 -13.29
H21 EDO D . 14.77 -8.74 -16.24
H22 EDO D . 15.84 -10.04 -16.78
HO2 EDO D . 16.49 -7.41 -15.67
#